data_6DY1
#
_entry.id   6DY1
#
_cell.length_a   159.351
_cell.length_b   159.351
_cell.length_c   159.351
_cell.angle_alpha   90.00
_cell.angle_beta   90.00
_cell.angle_gamma   90.00
#
_symmetry.space_group_name_H-M   'P 43 3 2'
#
loop_
_entity.id
_entity.type
_entity.pdbx_description
1 polymer 'N-acylethanolamine acid amidase alpha-subunit'
2 polymer 'N-acylethanolamine acid amidase beta-subunit'
3 non-polymer 2-acetamido-2-deoxy-beta-D-glucopyranose
4 non-polymer 'SULFATE ION'
5 non-polymer 'CHLORIDE ION'
6 non-polymer 2-{2-[4-(1,1,3,3-TETRAMETHYLBUTYL)PHENOXY]ETHOXY}ETHANOL
7 non-polymer 'MYRISTIC ACID'
8 water water
#
loop_
_entity_poly.entity_id
_entity_poly.type
_entity_poly.pdbx_seq_one_letter_code
_entity_poly.pdbx_strand_id
1 'polypeptide(L)'
;DRHHHHHHKLSTPGPPLFNVSLDVAPELRWLPVLRHYDVELVRAAVAQVIGDRVPKWVLALIEKGALKLERLLPPPFTAE
IRGMCDFLNLSLADGLLVNLAYEYSAF
;
A
2 'polypeptide(L)'
;CTSIVAQDSRGHVYHGRNLDYPYGSILRKLTVDVQFLKNGQIAFTGTTFIGYVGLWTGQSPHKFTVSGDERDRGWWWENL
VAALFLRHSPISWLLRTTLSEAESFEAAVYRLAKTPLIADVYYIVGGTNPREGVVITRNRDGPADIWPLDPLKGVWFLVE
TNYDHWKPAPEEDDRRTPAIKALNATGQAKLSLETLFQVLSVVPVYNNYTIYTTVMSAASPDKYMTRIRNPS
;
B
#
loop_
_chem_comp.id
_chem_comp.type
_chem_comp.name
_chem_comp.formula
CL non-polymer 'CHLORIDE ION' 'Cl -1'
MYR non-polymer 'MYRISTIC ACID' 'C14 H28 O2'
NAG D-saccharide, beta linking 2-acetamido-2-deoxy-beta-D-glucopyranose 'C8 H15 N O6'
SO4 non-polymer 'SULFATE ION' 'O4 S -2'
TON non-polymer 2-{2-[4-(1,1,3,3-TETRAMETHYLBUTYL)PHENOXY]ETHOXY}ETHANOL 'C18 H30 O3'
#
# COMPACT_ATOMS: atom_id res chain seq x y z
N PRO A 13 -21.44 2.84 -1.37
CA PRO A 13 -21.28 1.48 -0.83
C PRO A 13 -19.82 1.11 -0.61
N GLY A 14 -19.02 1.13 -1.68
CA GLY A 14 -17.61 0.82 -1.58
C GLY A 14 -17.34 -0.65 -1.75
N PRO A 15 -16.08 -1.05 -1.55
CA PRO A 15 -15.72 -2.46 -1.72
C PRO A 15 -16.22 -3.29 -0.57
N PRO A 16 -16.27 -4.62 -0.73
CA PRO A 16 -16.73 -5.48 0.37
C PRO A 16 -15.82 -5.37 1.59
N LEU A 17 -16.36 -5.75 2.74
CA LEU A 17 -15.65 -5.70 4.00
C LEU A 17 -15.58 -7.09 4.59
N PHE A 18 -14.36 -7.59 4.81
CA PHE A 18 -14.15 -8.92 5.36
C PHE A 18 -13.34 -8.82 6.64
N ASN A 19 -13.50 -9.83 7.50
CA ASN A 19 -12.69 -9.99 8.70
C ASN A 19 -11.65 -11.07 8.46
N VAL A 20 -10.47 -10.88 9.05
CA VAL A 20 -9.37 -11.85 8.92
C VAL A 20 -8.71 -12.03 10.28
N SER A 21 -9.16 -13.00 11.05
CA SER A 21 -8.60 -13.23 12.37
C SER A 21 -7.13 -13.59 12.26
N LEU A 22 -6.29 -12.87 13.00
CA LEU A 22 -4.86 -13.16 13.06
C LEU A 22 -4.52 -14.18 14.13
N ASP A 23 -5.53 -14.74 14.81
CA ASP A 23 -5.30 -15.81 15.77
C ASP A 23 -5.37 -17.19 15.13
N VAL A 24 -5.94 -17.29 13.94
CA VAL A 24 -5.95 -18.53 13.18
C VAL A 24 -4.62 -18.68 12.45
N ALA A 25 -4.18 -19.91 12.28
CA ALA A 25 -2.91 -20.19 11.61
C ALA A 25 -2.83 -19.40 10.32
N PRO A 26 -1.62 -19.04 9.85
CA PRO A 26 -1.54 -18.21 8.64
C PRO A 26 -2.18 -18.85 7.42
N GLU A 27 -2.10 -20.17 7.29
CA GLU A 27 -2.61 -20.83 6.11
C GLU A 27 -4.13 -20.82 6.04
N LEU A 28 -4.82 -20.65 7.16
CA LEU A 28 -6.27 -20.76 7.22
C LEU A 28 -6.98 -19.42 7.34
N ARG A 29 -6.28 -18.34 7.68
CA ARG A 29 -6.96 -17.09 8.03
C ARG A 29 -7.57 -16.40 6.81
N TRP A 30 -6.99 -16.60 5.63
CA TRP A 30 -7.47 -15.96 4.41
C TRP A 30 -8.53 -16.77 3.68
N LEU A 31 -8.85 -17.98 4.13
CA LEU A 31 -9.71 -18.88 3.37
C LEU A 31 -11.18 -18.49 3.49
N PRO A 32 -11.67 -18.11 4.68
CA PRO A 32 -13.07 -17.65 4.76
C PRO A 32 -13.38 -16.50 3.82
N VAL A 33 -12.37 -15.74 3.38
CA VAL A 33 -12.61 -14.64 2.46
C VAL A 33 -12.68 -15.15 1.03
N LEU A 34 -11.86 -16.14 0.68
CA LEU A 34 -11.85 -16.68 -0.67
C LEU A 34 -13.14 -17.41 -1.02
N ARG A 35 -13.89 -17.88 -0.01
CA ARG A 35 -15.16 -18.53 -0.29
C ARG A 35 -16.09 -17.62 -1.08
N HIS A 36 -16.00 -16.31 -0.86
CA HIS A 36 -16.87 -15.35 -1.51
C HIS A 36 -16.46 -15.03 -2.94
N TYR A 37 -15.39 -15.65 -3.45
CA TYR A 37 -14.83 -15.26 -4.74
C TYR A 37 -14.70 -16.48 -5.66
N ASP A 38 -15.08 -16.28 -6.91
CA ASP A 38 -14.96 -17.33 -7.91
C ASP A 38 -13.50 -17.65 -8.16
N VAL A 39 -13.12 -18.92 -8.01
CA VAL A 39 -11.74 -19.32 -8.18
C VAL A 39 -11.23 -18.96 -9.57
N GLU A 40 -12.10 -19.05 -10.58
CA GLU A 40 -11.68 -18.76 -11.95
C GLU A 40 -11.23 -17.32 -12.08
N LEU A 41 -11.95 -16.39 -11.44
CA LEU A 41 -11.60 -14.98 -11.55
C LEU A 41 -10.21 -14.71 -11.00
N VAL A 42 -9.89 -15.28 -9.84
CA VAL A 42 -8.58 -15.07 -9.23
C VAL A 42 -7.49 -15.68 -10.09
N ARG A 43 -7.67 -16.93 -10.53
CA ARG A 43 -6.64 -17.58 -11.33
C ARG A 43 -6.43 -16.86 -12.65
N ALA A 44 -7.47 -16.23 -13.20
CA ALA A 44 -7.30 -15.44 -14.41
C ALA A 44 -6.58 -14.13 -14.11
N ALA A 45 -6.75 -13.60 -12.89
CA ALA A 45 -6.05 -12.38 -12.50
C ALA A 45 -4.56 -12.63 -12.35
N VAL A 46 -4.20 -13.74 -11.69
CA VAL A 46 -2.79 -14.10 -11.56
C VAL A 46 -2.17 -14.29 -12.93
N ALA A 47 -2.83 -15.06 -13.80
CA ALA A 47 -2.31 -15.29 -15.14
C ALA A 47 -2.17 -14.00 -15.93
N GLN A 48 -3.03 -13.01 -15.66
CA GLN A 48 -2.94 -11.74 -16.37
C GLN A 48 -1.75 -10.92 -15.89
N VAL A 49 -1.48 -10.93 -14.58
CA VAL A 49 -0.39 -10.13 -14.04
C VAL A 49 0.97 -10.78 -14.31
N ILE A 50 1.02 -12.12 -14.34
CA ILE A 50 2.29 -12.81 -14.58
C ILE A 50 2.56 -12.93 -16.06
N GLY A 51 1.62 -13.50 -16.82
CA GLY A 51 1.85 -13.71 -18.24
C GLY A 51 2.19 -12.45 -18.99
N ASP A 52 1.70 -11.30 -18.51
CA ASP A 52 1.95 -10.04 -19.21
C ASP A 52 3.28 -9.42 -18.80
N ARG A 53 3.73 -9.64 -17.57
CA ARG A 53 4.93 -9.00 -17.05
C ARG A 53 6.15 -9.92 -17.04
N VAL A 54 5.94 -11.22 -16.89
CA VAL A 54 7.02 -12.18 -16.71
C VAL A 54 7.15 -13.02 -17.98
N PRO A 55 8.35 -13.18 -18.54
CA PRO A 55 8.50 -14.12 -19.66
C PRO A 55 8.27 -15.55 -19.21
N LYS A 56 7.98 -16.41 -20.19
CA LYS A 56 7.65 -17.80 -19.89
C LYS A 56 8.83 -18.54 -19.28
N TRP A 57 10.04 -18.22 -19.70
CA TRP A 57 11.21 -18.93 -19.19
C TRP A 57 11.56 -18.50 -17.78
N VAL A 58 11.43 -17.20 -17.47
CA VAL A 58 11.61 -16.75 -16.09
C VAL A 58 10.62 -17.45 -15.18
N LEU A 59 9.36 -17.50 -15.60
CA LEU A 59 8.35 -18.23 -14.85
C LEU A 59 8.73 -19.69 -14.68
N ALA A 60 9.40 -20.27 -15.68
CA ALA A 60 9.82 -21.67 -15.59
C ALA A 60 10.84 -21.87 -14.48
N LEU A 61 11.88 -21.03 -14.46
CA LEU A 61 12.93 -21.18 -13.47
C LEU A 61 12.42 -20.94 -12.05
N ILE A 62 11.58 -19.91 -11.88
CA ILE A 62 11.04 -19.62 -10.55
C ILE A 62 10.16 -20.76 -10.07
N GLU A 63 9.46 -21.42 -10.99
CA GLU A 63 8.62 -22.56 -10.60
C GLU A 63 9.47 -23.75 -10.19
N LYS A 64 10.64 -23.93 -10.81
CA LYS A 64 11.50 -25.05 -10.45
C LYS A 64 12.24 -24.82 -9.14
N GLY A 65 12.61 -23.57 -8.86
CA GLY A 65 13.29 -23.25 -7.61
C GLY A 65 12.44 -22.38 -6.70
N ALA A 66 11.18 -22.78 -6.50
CA ALA A 66 10.29 -21.98 -5.66
C ALA A 66 10.60 -22.18 -4.17
N LEU A 67 10.87 -23.42 -3.76
CA LEU A 67 11.12 -23.67 -2.34
C LEU A 67 12.38 -22.94 -1.87
N LYS A 68 13.43 -22.95 -2.70
CA LYS A 68 14.63 -22.18 -2.36
C LYS A 68 14.30 -20.71 -2.19
N LEU A 69 13.40 -20.18 -3.04
CA LEU A 69 12.93 -18.80 -2.89
C LEU A 69 12.10 -18.64 -1.62
N GLU A 70 11.39 -19.70 -1.21
CA GLU A 70 10.47 -19.58 -0.08
C GLU A 70 11.20 -19.52 1.25
N ARG A 71 12.36 -20.18 1.36
CA ARG A 71 13.08 -20.23 2.62
C ARG A 71 13.59 -18.87 3.04
N LEU A 72 13.62 -17.90 2.14
CA LEU A 72 14.16 -16.57 2.42
C LEU A 72 13.10 -15.63 2.97
N LEU A 73 11.92 -15.61 2.34
CA LEU A 73 10.89 -14.66 2.70
C LEU A 73 10.37 -14.94 4.11
N PRO A 74 9.73 -13.95 4.73
CA PRO A 74 9.21 -14.15 6.09
C PRO A 74 8.29 -15.35 6.16
N PRO A 75 8.38 -16.16 7.22
CA PRO A 75 7.52 -17.35 7.32
C PRO A 75 6.05 -16.99 7.19
N PRO A 76 5.52 -16.08 8.02
CA PRO A 76 4.08 -15.80 7.93
C PRO A 76 3.69 -15.19 6.59
N PHE A 77 4.63 -14.59 5.88
CA PHE A 77 4.35 -14.07 4.54
C PHE A 77 4.01 -15.21 3.59
N THR A 78 4.93 -16.18 3.47
CA THR A 78 4.73 -17.28 2.53
C THR A 78 3.69 -18.28 3.03
N ALA A 79 3.40 -18.31 4.32
CA ALA A 79 2.41 -19.26 4.83
C ALA A 79 0.99 -18.83 4.47
N GLU A 80 0.72 -17.53 4.47
CA GLU A 80 -0.59 -17.05 4.05
C GLU A 80 -0.79 -17.26 2.54
N ILE A 81 0.27 -17.07 1.77
CA ILE A 81 0.19 -17.31 0.33
C ILE A 81 0.00 -18.79 0.04
N ARG A 82 0.78 -19.63 0.72
CA ARG A 82 0.73 -21.06 0.48
C ARG A 82 -0.65 -21.63 0.76
N GLY A 83 -1.27 -21.23 1.86
CA GLY A 83 -2.59 -21.72 2.20
C GLY A 83 -3.65 -21.32 1.19
N MET A 84 -3.52 -20.15 0.59
CA MET A 84 -4.48 -19.73 -0.42
C MET A 84 -4.28 -20.49 -1.73
N CYS A 85 -3.02 -20.70 -2.12
CA CYS A 85 -2.75 -21.43 -3.35
C CYS A 85 -3.23 -22.88 -3.27
N ASP A 86 -3.16 -23.48 -2.08
CA ASP A 86 -3.72 -24.82 -1.90
C ASP A 86 -5.23 -24.81 -1.99
N PHE A 87 -5.86 -23.68 -1.69
CA PHE A 87 -7.32 -23.58 -1.77
C PHE A 87 -7.78 -23.31 -3.19
N LEU A 88 -7.07 -22.45 -3.92
CA LEU A 88 -7.41 -22.12 -5.29
C LEU A 88 -6.81 -23.06 -6.31
N ASN A 89 -5.91 -23.95 -5.89
CA ASN A 89 -5.23 -24.88 -6.79
C ASN A 89 -4.26 -24.16 -7.73
N LEU A 90 -3.63 -23.10 -7.24
CA LEU A 90 -2.60 -22.37 -7.96
C LEU A 90 -1.22 -22.86 -7.51
N SER A 91 -0.25 -22.64 -8.39
CA SER A 91 1.13 -23.02 -8.07
C SER A 91 1.74 -22.01 -7.11
N LEU A 92 2.34 -22.51 -6.03
CA LEU A 92 2.93 -21.63 -5.04
C LEU A 92 3.87 -20.62 -5.68
N ALA A 93 4.51 -20.97 -6.79
CA ALA A 93 5.37 -20.02 -7.48
C ALA A 93 4.56 -18.89 -8.09
N ASP A 94 3.38 -19.19 -8.63
CA ASP A 94 2.50 -18.15 -9.13
C ASP A 94 1.95 -17.27 -8.03
N GLY A 95 1.90 -17.78 -6.80
CA GLY A 95 1.41 -17.00 -5.67
C GLY A 95 2.46 -16.06 -5.13
N LEU A 96 3.72 -16.52 -5.07
CA LEU A 96 4.79 -15.65 -4.59
C LEU A 96 5.13 -14.56 -5.60
N LEU A 97 4.85 -14.79 -6.88
CA LEU A 97 5.26 -13.82 -7.90
C LEU A 97 4.33 -12.62 -7.95
N VAL A 98 3.02 -12.82 -7.73
CA VAL A 98 2.11 -11.68 -7.67
C VAL A 98 2.29 -10.93 -6.36
N ASN A 99 2.51 -11.66 -5.26
CA ASN A 99 2.77 -11.01 -3.98
C ASN A 99 4.13 -10.33 -3.94
N LEU A 100 4.96 -10.50 -4.96
CA LEU A 100 6.20 -9.74 -5.13
C LEU A 100 6.17 -8.99 -6.46
N ALA A 101 4.97 -8.66 -6.95
CA ALA A 101 4.87 -7.96 -8.23
C ALA A 101 5.49 -6.58 -8.16
N TYR A 102 5.40 -5.91 -7.01
CA TYR A 102 6.03 -4.61 -6.87
C TYR A 102 7.55 -4.75 -6.86
N GLU A 103 8.09 -5.63 -6.01
CA GLU A 103 9.53 -5.83 -5.94
C GLU A 103 10.08 -6.38 -7.25
N TYR A 104 9.23 -6.90 -8.13
CA TYR A 104 9.70 -7.47 -9.39
C TYR A 104 10.03 -6.41 -10.42
N SER A 105 9.36 -5.24 -10.36
CA SER A 105 9.51 -4.22 -11.39
C SER A 105 9.78 -2.84 -10.81
N ALA A 106 10.16 -2.76 -9.54
CA ALA A 106 10.40 -1.47 -8.88
C ALA A 106 11.90 -1.25 -8.78
N PHE A 107 12.48 -0.68 -9.84
CA PHE A 107 13.91 -0.35 -9.85
C PHE A 107 14.21 0.67 -10.94
N CYS B 1 1.12 6.87 -8.29
CA CYS B 1 0.21 6.98 -7.15
C CYS B 1 0.07 8.43 -6.71
N THR B 2 -0.62 8.65 -5.59
CA THR B 2 -0.74 9.98 -5.02
C THR B 2 -1.22 9.83 -3.58
N SER B 3 -0.33 10.09 -2.63
CA SER B 3 -0.66 10.08 -1.21
C SER B 3 -0.61 11.49 -0.66
N ILE B 4 -1.58 11.82 0.19
CA ILE B 4 -1.73 13.17 0.72
C ILE B 4 -2.03 13.07 2.21
N VAL B 5 -1.18 13.67 3.04
CA VAL B 5 -1.45 13.86 4.45
C VAL B 5 -1.53 15.36 4.69
N ALA B 6 -2.60 15.80 5.36
CA ALA B 6 -2.86 17.23 5.52
C ALA B 6 -3.45 17.49 6.90
N GLN B 7 -3.33 18.73 7.35
CA GLN B 7 -3.81 19.16 8.65
C GLN B 7 -4.73 20.35 8.46
N ASP B 8 -5.88 20.33 9.13
CA ASP B 8 -6.88 21.36 8.96
C ASP B 8 -6.68 22.49 9.99
N SER B 9 -7.54 23.50 9.93
CA SER B 9 -7.38 24.68 10.76
C SER B 9 -7.48 24.34 12.24
N ARG B 10 -8.38 23.44 12.60
CA ARG B 10 -8.58 23.11 14.01
C ARG B 10 -7.51 22.18 14.55
N GLY B 11 -6.71 21.54 13.70
CA GLY B 11 -5.62 20.71 14.13
C GLY B 11 -5.78 19.22 13.91
N HIS B 12 -6.71 18.79 13.07
CA HIS B 12 -6.91 17.38 12.79
C HIS B 12 -6.04 16.97 11.60
N VAL B 13 -5.56 15.73 11.63
CA VAL B 13 -4.74 15.17 10.55
C VAL B 13 -5.62 14.27 9.69
N TYR B 14 -5.60 14.51 8.39
CA TYR B 14 -6.35 13.71 7.44
C TYR B 14 -5.38 13.03 6.47
N HIS B 15 -5.79 11.88 5.94
CA HIS B 15 -4.94 11.07 5.10
C HIS B 15 -5.77 10.48 3.97
N GLY B 16 -5.29 10.65 2.74
CA GLY B 16 -5.94 10.05 1.59
C GLY B 16 -4.91 9.67 0.55
N ARG B 17 -5.29 8.73 -0.31
CA ARG B 17 -4.35 8.22 -1.30
C ARG B 17 -5.11 7.70 -2.52
N ASN B 18 -4.39 7.69 -3.64
CA ASN B 18 -4.85 7.07 -4.88
C ASN B 18 -3.88 5.96 -5.24
N LEU B 19 -4.41 4.80 -5.62
CA LEU B 19 -3.59 3.65 -5.99
C LEU B 19 -3.71 3.47 -7.50
N ASP B 20 -2.69 3.91 -8.22
CA ASP B 20 -2.66 3.83 -9.68
C ASP B 20 -1.79 2.64 -10.08
N TYR B 21 -2.38 1.69 -10.81
CA TYR B 21 -1.66 0.49 -11.22
C TYR B 21 -2.37 -0.09 -12.43
N PRO B 22 -1.63 -0.68 -13.38
CA PRO B 22 -2.29 -1.33 -14.52
C PRO B 22 -3.12 -2.53 -14.10
N TYR B 23 -3.70 -3.23 -15.08
CA TYR B 23 -4.57 -4.37 -14.79
C TYR B 23 -5.78 -3.94 -13.96
N GLY B 24 -6.33 -2.77 -14.29
CA GLY B 24 -7.42 -2.23 -13.49
C GLY B 24 -8.68 -3.07 -13.59
N SER B 25 -9.08 -3.43 -14.82
CA SER B 25 -10.35 -4.13 -15.01
C SER B 25 -10.44 -5.37 -14.15
N ILE B 26 -9.32 -6.00 -13.84
CA ILE B 26 -9.32 -7.20 -13.00
C ILE B 26 -9.25 -6.85 -11.52
N LEU B 27 -8.42 -5.86 -11.16
CA LEU B 27 -8.17 -5.57 -9.76
C LEU B 27 -9.34 -4.83 -9.12
N ARG B 28 -10.12 -4.08 -9.89
CA ARG B 28 -11.28 -3.42 -9.32
C ARG B 28 -12.29 -4.43 -8.80
N LYS B 29 -12.29 -5.63 -9.37
CA LYS B 29 -13.19 -6.69 -8.91
C LYS B 29 -12.64 -7.42 -7.70
N LEU B 30 -11.34 -7.30 -7.42
CA LEU B 30 -10.71 -7.98 -6.29
C LEU B 30 -10.42 -7.05 -5.11
N THR B 31 -10.64 -5.74 -5.26
CA THR B 31 -10.37 -4.81 -4.17
C THR B 31 -11.30 -5.11 -3.00
N VAL B 32 -10.74 -5.05 -1.78
CA VAL B 32 -11.49 -5.35 -0.58
C VAL B 32 -10.94 -4.53 0.58
N ASP B 33 -11.81 -4.24 1.54
CA ASP B 33 -11.41 -3.68 2.83
C ASP B 33 -11.37 -4.81 3.84
N VAL B 34 -10.24 -4.97 4.52
CA VAL B 34 -9.98 -6.09 5.41
C VAL B 34 -9.74 -5.56 6.81
N GLN B 35 -10.45 -6.11 7.79
CA GLN B 35 -10.34 -5.71 9.20
C GLN B 35 -9.65 -6.84 9.95
N PHE B 36 -8.34 -6.75 10.08
CA PHE B 36 -7.58 -7.79 10.75
C PHE B 36 -7.85 -7.73 12.25
N LEU B 37 -8.24 -8.86 12.83
CA LEU B 37 -8.67 -8.92 14.22
C LEU B 37 -7.58 -9.52 15.10
N LYS B 38 -7.72 -9.28 16.40
CA LYS B 38 -6.86 -9.89 17.40
C LYS B 38 -7.68 -10.06 18.67
N ASN B 39 -7.76 -11.29 19.19
CA ASN B 39 -8.57 -11.59 20.36
C ASN B 39 -10.00 -11.11 20.17
N GLY B 40 -10.45 -11.02 18.93
CA GLY B 40 -11.80 -10.60 18.60
C GLY B 40 -11.94 -9.13 18.26
N GLN B 41 -10.96 -8.32 18.63
CA GLN B 41 -11.03 -6.87 18.42
C GLN B 41 -10.24 -6.46 17.19
N ILE B 42 -10.75 -5.44 16.50
CA ILE B 42 -10.06 -4.93 15.32
C ILE B 42 -8.71 -4.37 15.75
N ALA B 43 -7.63 -4.97 15.22
CA ALA B 43 -6.29 -4.48 15.49
C ALA B 43 -5.81 -3.49 14.44
N PHE B 44 -6.37 -3.52 13.24
CA PHE B 44 -6.11 -2.52 12.22
C PHE B 44 -6.97 -2.83 11.01
N THR B 45 -7.05 -1.87 10.09
CA THR B 45 -7.85 -1.98 8.89
C THR B 45 -6.97 -1.67 7.69
N GLY B 46 -7.18 -2.41 6.60
CA GLY B 46 -6.38 -2.24 5.41
C GLY B 46 -7.22 -2.46 4.17
N THR B 47 -6.64 -2.06 3.03
CA THR B 47 -7.27 -2.23 1.73
C THR B 47 -6.27 -2.90 0.81
N THR B 48 -6.67 -4.04 0.24
CA THR B 48 -5.77 -4.82 -0.60
C THR B 48 -6.61 -5.52 -1.68
N PHE B 49 -5.97 -6.42 -2.40
CA PHE B 49 -6.62 -7.24 -3.42
C PHE B 49 -6.62 -8.69 -2.98
N ILE B 50 -7.76 -9.36 -3.17
CA ILE B 50 -7.89 -10.76 -2.78
C ILE B 50 -6.75 -11.56 -3.38
N GLY B 51 -5.98 -12.22 -2.53
CA GLY B 51 -4.80 -12.95 -2.96
C GLY B 51 -3.49 -12.21 -2.73
N TYR B 52 -3.56 -10.94 -2.34
CA TYR B 52 -2.39 -10.13 -2.03
C TYR B 52 -2.41 -9.90 -0.52
N VAL B 53 -1.43 -10.47 0.19
CA VAL B 53 -1.42 -10.42 1.65
C VAL B 53 -0.76 -9.17 2.21
N GLY B 54 -0.16 -8.34 1.37
CA GLY B 54 0.39 -7.08 1.83
C GLY B 54 -0.62 -5.95 1.78
N LEU B 55 -0.25 -4.83 2.38
CA LEU B 55 -1.12 -3.66 2.44
C LEU B 55 -0.37 -2.45 1.95
N TRP B 56 -0.96 -1.72 1.01
CA TRP B 56 -0.47 -0.43 0.57
C TRP B 56 -1.28 0.72 1.15
N THR B 57 -2.31 0.42 1.95
CA THR B 57 -3.15 1.44 2.56
C THR B 57 -3.76 0.84 3.81
N GLY B 58 -3.46 1.41 4.97
CA GLY B 58 -3.92 0.83 6.21
C GLY B 58 -4.17 1.91 7.26
N GLN B 59 -4.59 1.45 8.44
CA GLN B 59 -4.95 2.35 9.52
C GLN B 59 -4.95 1.56 10.81
N SER B 60 -4.13 1.96 11.77
CA SER B 60 -4.22 1.44 13.13
C SER B 60 -5.11 2.40 13.92
N PRO B 61 -6.28 1.96 14.37
CA PRO B 61 -7.22 2.92 14.99
C PRO B 61 -6.60 3.61 16.21
N HIS B 62 -6.75 4.93 16.27
CA HIS B 62 -6.25 5.73 17.38
C HIS B 62 -4.73 5.61 17.51
N LYS B 63 -4.03 5.66 16.38
CA LYS B 63 -2.58 5.56 16.41
C LYS B 63 -1.95 6.19 15.18
N PHE B 64 -2.19 5.64 13.99
CA PHE B 64 -1.61 6.20 12.79
C PHE B 64 -2.26 5.58 11.56
N THR B 65 -2.05 6.25 10.43
CA THR B 65 -2.44 5.74 9.12
C THR B 65 -1.23 5.83 8.20
N VAL B 66 -1.05 4.80 7.36
CA VAL B 66 0.10 4.74 6.49
C VAL B 66 -0.35 4.28 5.11
N SER B 67 0.34 4.79 4.08
CA SER B 67 0.11 4.38 2.71
C SER B 67 1.45 4.40 1.98
N GLY B 68 1.52 3.69 0.87
CA GLY B 68 2.77 3.55 0.13
C GLY B 68 2.63 3.94 -1.32
N ASP B 69 3.66 4.60 -1.84
CA ASP B 69 3.73 5.00 -3.24
C ASP B 69 5.02 4.47 -3.85
N GLU B 70 4.96 4.14 -5.13
CA GLU B 70 6.09 3.50 -5.79
C GLU B 70 7.23 4.48 -6.00
N ARG B 71 8.46 4.00 -5.79
CA ARG B 71 9.67 4.79 -6.02
C ARG B 71 10.65 3.91 -6.80
N ASP B 72 10.74 4.12 -8.10
CA ASP B 72 11.61 3.35 -8.96
C ASP B 72 12.98 4.02 -9.01
N ARG B 73 13.95 3.44 -8.32
CA ARG B 73 15.31 3.95 -8.33
C ARG B 73 16.27 2.81 -8.08
N GLY B 74 17.38 2.80 -8.82
CA GLY B 74 18.37 1.76 -8.68
C GLY B 74 18.45 0.88 -9.91
N TRP B 75 18.88 -0.38 -9.73
CA TRP B 75 18.97 -1.35 -10.81
C TRP B 75 18.20 -2.59 -10.44
N TRP B 76 17.89 -3.40 -11.45
CA TRP B 76 17.10 -4.61 -11.22
C TRP B 76 17.80 -5.54 -10.25
N TRP B 77 19.13 -5.67 -10.37
CA TRP B 77 19.84 -6.64 -9.55
C TRP B 77 19.99 -6.22 -8.10
N GLU B 78 19.67 -4.96 -7.76
CA GLU B 78 19.68 -4.57 -6.36
C GLU B 78 18.50 -5.17 -5.61
N ASN B 79 17.37 -5.34 -6.28
CA ASN B 79 16.24 -6.02 -5.66
C ASN B 79 16.51 -7.51 -5.48
N LEU B 80 17.27 -8.10 -6.40
CA LEU B 80 17.60 -9.53 -6.28
C LEU B 80 18.51 -9.78 -5.08
N VAL B 81 19.59 -9.01 -4.97
CA VAL B 81 20.52 -9.22 -3.86
C VAL B 81 19.86 -8.85 -2.53
N ALA B 82 19.09 -7.77 -2.51
CA ALA B 82 18.44 -7.35 -1.26
C ALA B 82 17.47 -8.41 -0.77
N ALA B 83 16.84 -9.16 -1.67
CA ALA B 83 15.85 -10.15 -1.29
C ALA B 83 16.45 -11.51 -0.99
N LEU B 84 17.45 -11.93 -1.76
CA LEU B 84 18.00 -13.28 -1.64
C LEU B 84 19.19 -13.33 -0.68
N PHE B 85 20.22 -12.51 -0.93
CA PHE B 85 21.44 -12.59 -0.14
C PHE B 85 21.29 -11.91 1.22
N LEU B 86 20.53 -10.82 1.30
CA LEU B 86 20.45 -10.02 2.52
C LEU B 86 19.17 -10.23 3.32
N ARG B 87 18.17 -10.92 2.75
CA ARG B 87 16.93 -11.22 3.46
C ARG B 87 16.22 -9.95 3.92
N HIS B 88 16.15 -8.96 3.04
CA HIS B 88 15.37 -7.76 3.31
C HIS B 88 13.88 -8.09 3.29
N SER B 89 13.04 -7.06 3.51
CA SER B 89 11.62 -7.26 3.62
C SER B 89 10.88 -6.63 2.44
N PRO B 90 9.79 -7.25 1.97
CA PRO B 90 8.97 -6.59 0.96
C PRO B 90 8.37 -5.30 1.49
N ILE B 91 7.88 -4.46 0.57
CA ILE B 91 7.35 -3.16 0.96
C ILE B 91 5.95 -3.29 1.55
N SER B 92 5.09 -4.06 0.89
CA SER B 92 3.71 -4.20 1.36
C SER B 92 3.59 -5.06 2.60
N TRP B 93 4.63 -5.81 2.95
CA TRP B 93 4.63 -6.62 4.16
C TRP B 93 5.14 -5.85 5.36
N LEU B 94 6.15 -5.00 5.18
CA LEU B 94 6.60 -4.12 6.26
C LEU B 94 5.52 -3.10 6.61
N LEU B 95 4.73 -2.68 5.62
CA LEU B 95 3.65 -1.74 5.90
C LEU B 95 2.57 -2.39 6.75
N ARG B 96 2.30 -3.68 6.53
CA ARG B 96 1.31 -4.38 7.34
C ARG B 96 1.87 -4.75 8.71
N THR B 97 3.12 -5.22 8.76
CA THR B 97 3.73 -5.53 10.05
C THR B 97 3.71 -4.32 10.97
N THR B 98 3.91 -3.13 10.40
CA THR B 98 3.91 -1.91 11.21
C THR B 98 2.51 -1.62 11.75
N LEU B 99 1.48 -1.73 10.91
CA LEU B 99 0.11 -1.52 11.37
C LEU B 99 -0.26 -2.48 12.49
N SER B 100 0.45 -3.59 12.63
CA SER B 100 0.12 -4.61 13.63
C SER B 100 0.95 -4.48 14.89
N GLU B 101 2.24 -4.18 14.77
CA GLU B 101 3.14 -4.21 15.92
C GLU B 101 3.48 -2.82 16.45
N ALA B 102 3.43 -1.78 15.61
CA ALA B 102 3.83 -0.45 16.05
C ALA B 102 2.79 0.12 17.02
N GLU B 103 3.27 0.61 18.16
CA GLU B 103 2.40 1.04 19.25
C GLU B 103 2.08 2.52 19.22
N SER B 104 2.75 3.31 18.40
CA SER B 104 2.54 4.75 18.39
C SER B 104 2.97 5.31 17.05
N PHE B 105 2.51 6.52 16.75
CA PHE B 105 2.92 7.16 15.50
C PHE B 105 4.42 7.30 15.40
N GLU B 106 5.12 7.48 16.53
CA GLU B 106 6.56 7.63 16.46
C GLU B 106 7.25 6.30 16.17
N ALA B 107 6.76 5.21 16.76
CA ALA B 107 7.33 3.89 16.49
C ALA B 107 6.98 3.41 15.09
N ALA B 108 5.86 3.86 14.54
CA ALA B 108 5.50 3.48 13.18
C ALA B 108 6.38 4.18 12.15
N VAL B 109 6.76 5.43 12.42
CA VAL B 109 7.65 6.14 11.52
C VAL B 109 9.10 5.68 11.68
N TYR B 110 9.45 5.09 12.83
CA TYR B 110 10.78 4.56 13.02
C TYR B 110 10.96 3.27 12.23
N ARG B 111 10.01 2.34 12.34
CA ARG B 111 10.08 1.09 11.62
C ARG B 111 10.07 1.32 10.11
N LEU B 112 9.09 2.09 9.63
CA LEU B 112 8.98 2.35 8.19
C LEU B 112 10.20 3.05 7.64
N ALA B 113 10.96 3.75 8.47
CA ALA B 113 12.10 4.51 8.00
C ALA B 113 13.40 3.74 8.03
N LYS B 114 13.57 2.86 9.01
CA LYS B 114 14.85 2.19 9.24
C LYS B 114 14.88 0.73 8.82
N THR B 115 13.72 0.09 8.65
CA THR B 115 13.70 -1.34 8.36
C THR B 115 14.17 -1.59 6.93
N PRO B 116 15.13 -2.49 6.72
CA PRO B 116 15.63 -2.70 5.35
C PRO B 116 14.55 -3.27 4.44
N LEU B 117 14.59 -2.86 3.18
CA LEU B 117 13.58 -3.23 2.18
C LEU B 117 14.26 -3.88 0.98
N ILE B 118 13.43 -4.46 0.12
CA ILE B 118 13.92 -5.01 -1.14
C ILE B 118 14.02 -3.93 -2.20
N ALA B 119 13.13 -2.94 -2.15
CA ALA B 119 13.12 -1.86 -3.12
C ALA B 119 12.74 -0.56 -2.44
N ASP B 120 12.95 0.55 -3.15
CA ASP B 120 12.61 1.85 -2.61
C ASP B 120 11.10 2.04 -2.58
N VAL B 121 10.66 3.04 -1.81
CA VAL B 121 9.24 3.34 -1.68
C VAL B 121 9.10 4.66 -0.96
N TYR B 122 7.91 5.27 -1.06
CA TYR B 122 7.53 6.42 -0.27
C TYR B 122 6.47 5.97 0.73
N TYR B 123 6.80 6.03 2.02
CA TYR B 123 5.86 5.72 3.09
C TYR B 123 5.32 7.04 3.63
N ILE B 124 4.02 7.27 3.45
CA ILE B 124 3.35 8.47 3.94
C ILE B 124 2.56 8.08 5.19
N VAL B 125 2.92 8.68 6.32
CA VAL B 125 2.35 8.31 7.61
C VAL B 125 1.54 9.48 8.14
N GLY B 126 0.44 9.16 8.83
CA GLY B 126 -0.35 10.16 9.51
C GLY B 126 -0.57 9.74 10.95
N GLY B 127 -1.02 10.71 11.75
CA GLY B 127 -1.15 10.47 13.18
C GLY B 127 -2.48 10.88 13.76
N THR B 128 -2.55 10.92 15.09
CA THR B 128 -3.75 11.32 15.80
C THR B 128 -3.66 12.71 16.42
N ASN B 129 -2.48 13.33 16.44
CA ASN B 129 -2.29 14.64 17.02
C ASN B 129 -1.83 15.63 15.95
N PRO B 130 -1.85 16.93 16.22
CA PRO B 130 -1.40 17.90 15.21
C PRO B 130 0.08 17.78 14.93
N ARG B 131 0.46 18.17 13.72
CA ARG B 131 1.83 18.15 13.21
C ARG B 131 2.38 16.75 13.03
N GLU B 132 1.56 15.71 13.22
CA GLU B 132 2.00 14.33 13.04
C GLU B 132 1.65 13.91 11.61
N GLY B 133 2.61 14.06 10.72
CA GLY B 133 2.46 13.69 9.33
C GLY B 133 3.75 13.87 8.56
N VAL B 134 4.35 12.76 8.12
CA VAL B 134 5.64 12.78 7.45
C VAL B 134 5.53 12.01 6.14
N VAL B 135 6.57 12.12 5.32
CA VAL B 135 6.66 11.42 4.05
C VAL B 135 8.06 10.83 3.98
N ILE B 136 8.17 9.53 4.22
CA ILE B 136 9.46 8.86 4.33
C ILE B 136 9.88 8.40 2.94
N THR B 137 10.98 8.98 2.44
CA THR B 137 11.57 8.57 1.18
C THR B 137 12.65 7.53 1.49
N ARG B 138 12.40 6.28 1.10
CA ARG B 138 13.20 5.15 1.56
C ARG B 138 14.22 4.73 0.51
N ASN B 139 15.42 4.44 0.98
CA ASN B 139 16.36 3.59 0.27
C ASN B 139 16.11 2.15 0.67
N ARG B 140 16.95 1.23 0.19
CA ARG B 140 16.86 -0.15 0.65
C ARG B 140 17.51 -0.33 2.01
N ASP B 141 18.51 0.48 2.34
CA ASP B 141 19.25 0.35 3.58
C ASP B 141 18.63 1.16 4.72
N GLY B 142 18.07 2.33 4.42
CA GLY B 142 17.50 3.18 5.42
C GLY B 142 16.73 4.33 4.79
N PRO B 143 16.48 5.39 5.55
CA PRO B 143 15.76 6.54 5.00
C PRO B 143 16.68 7.45 4.21
N ALA B 144 16.14 8.03 3.15
CA ALA B 144 16.86 9.02 2.36
C ALA B 144 16.47 10.45 2.69
N ASP B 145 15.26 10.65 3.19
CA ASP B 145 14.77 11.97 3.58
C ASP B 145 13.47 11.76 4.34
N ILE B 146 13.19 12.68 5.26
CA ILE B 146 11.93 12.69 6.00
C ILE B 146 11.36 14.09 5.93
N TRP B 147 10.15 14.19 5.39
CA TRP B 147 9.52 15.47 5.06
C TRP B 147 8.38 15.72 6.03
N PRO B 148 8.55 16.57 7.05
CA PRO B 148 7.51 16.70 8.08
C PRO B 148 6.53 17.84 7.84
N LEU B 149 5.37 17.75 8.47
CA LEU B 149 4.42 18.85 8.45
C LEU B 149 4.95 20.02 9.27
N ASP B 150 4.65 21.23 8.81
CA ASP B 150 5.06 22.46 9.49
C ASP B 150 3.99 23.51 9.23
N PRO B 151 2.88 23.44 9.96
CA PRO B 151 1.79 24.40 9.69
C PRO B 151 2.20 25.85 9.89
N LEU B 152 2.82 26.16 11.04
CA LEU B 152 3.18 27.55 11.33
C LEU B 152 4.10 28.14 10.27
N LYS B 153 4.77 27.31 9.48
CA LYS B 153 5.65 27.78 8.42
C LYS B 153 4.95 27.89 7.08
N GLY B 154 3.67 27.53 7.00
CA GLY B 154 2.94 27.56 5.76
C GLY B 154 2.89 26.24 5.02
N VAL B 155 3.18 25.13 5.68
CA VAL B 155 3.16 23.80 5.06
C VAL B 155 2.17 22.98 5.89
N TRP B 156 0.89 23.03 5.49
CA TRP B 156 -0.16 22.30 6.18
C TRP B 156 -0.58 21.03 5.44
N PHE B 157 0.06 20.71 4.32
CA PHE B 157 -0.22 19.49 3.60
C PHE B 157 1.05 19.00 2.92
N LEU B 158 1.15 17.67 2.80
CA LEU B 158 2.25 17.02 2.10
C LEU B 158 1.67 16.20 0.96
N VAL B 159 2.08 16.50 -0.27
CA VAL B 159 1.62 15.80 -1.45
C VAL B 159 2.79 14.98 -1.99
N GLU B 160 2.63 13.66 -1.97
CA GLU B 160 3.62 12.74 -2.53
C GLU B 160 2.97 11.94 -3.65
N THR B 161 3.65 11.89 -4.80
CA THR B 161 3.18 11.13 -5.94
C THR B 161 4.15 9.97 -6.15
N ASN B 162 5.06 10.05 -7.11
CA ASN B 162 6.04 8.99 -7.33
C ASN B 162 7.45 9.54 -7.58
N TYR B 163 7.74 10.75 -7.12
CA TYR B 163 9.03 11.38 -7.35
C TYR B 163 9.48 12.10 -6.10
N ASP B 164 10.79 12.32 -6.00
CA ASP B 164 11.35 13.01 -4.84
C ASP B 164 10.77 14.41 -4.75
N HIS B 165 10.37 14.81 -3.55
CA HIS B 165 9.66 16.08 -3.36
C HIS B 165 10.58 17.29 -3.40
N TRP B 166 11.90 17.10 -3.32
CA TRP B 166 12.84 18.21 -3.42
C TRP B 166 13.37 18.39 -4.84
N LYS B 167 12.66 17.89 -5.84
CA LYS B 167 13.04 18.01 -7.24
C LYS B 167 11.81 18.40 -8.04
N PRO B 168 12.00 18.96 -9.24
CA PRO B 168 10.84 19.33 -10.05
C PRO B 168 10.17 18.10 -10.64
N ALA B 169 8.84 18.09 -10.59
CA ALA B 169 8.10 16.97 -11.16
C ALA B 169 8.29 16.92 -12.67
N PRO B 170 8.39 15.72 -13.25
CA PRO B 170 8.54 15.65 -14.71
C PRO B 170 7.34 16.27 -15.42
N GLU B 171 7.60 16.80 -16.62
CA GLU B 171 6.54 17.46 -17.38
C GLU B 171 5.55 16.45 -17.93
N GLU B 172 5.98 15.20 -18.14
CA GLU B 172 5.11 14.19 -18.71
C GLU B 172 4.09 13.68 -17.71
N ASP B 173 4.50 13.53 -16.45
CA ASP B 173 3.65 12.99 -15.38
C ASP B 173 3.76 13.91 -14.17
N ASP B 174 3.05 15.04 -14.22
CA ASP B 174 3.04 16.01 -13.13
C ASP B 174 1.65 16.01 -12.51
N ARG B 175 1.39 15.02 -11.67
CA ARG B 175 0.17 14.98 -10.86
C ARG B 175 0.33 15.72 -9.55
N ARG B 176 1.52 16.25 -9.26
CA ARG B 176 1.74 16.99 -8.02
C ARG B 176 1.04 18.34 -8.05
N THR B 177 1.35 19.15 -9.06
CA THR B 177 0.79 20.50 -9.15
C THR B 177 -0.72 20.53 -9.04
N PRO B 178 -1.49 19.77 -9.82
CA PRO B 178 -2.95 19.83 -9.68
C PRO B 178 -3.43 19.41 -8.30
N ALA B 179 -2.73 18.48 -7.64
CA ALA B 179 -3.09 18.12 -6.28
C ALA B 179 -2.78 19.25 -5.32
N ILE B 180 -1.65 19.93 -5.51
CA ILE B 180 -1.33 21.10 -4.70
C ILE B 180 -2.32 22.22 -4.98
N LYS B 181 -2.48 22.59 -6.26
CA LYS B 181 -3.40 23.66 -6.63
C LYS B 181 -4.78 23.42 -6.03
N ALA B 182 -5.31 22.21 -6.18
CA ALA B 182 -6.64 21.91 -5.65
C ALA B 182 -6.66 21.94 -4.13
N LEU B 183 -5.52 21.66 -3.48
CA LEU B 183 -5.45 21.78 -2.04
C LEU B 183 -5.32 23.24 -1.59
N ASN B 184 -4.64 24.06 -2.38
CA ASN B 184 -4.60 25.50 -2.08
C ASN B 184 -5.99 26.10 -2.13
N ALA B 185 -6.81 25.67 -3.11
CA ALA B 185 -8.16 26.22 -3.24
C ALA B 185 -9.07 25.73 -2.13
N THR B 186 -8.93 24.47 -1.72
CA THR B 186 -9.78 23.94 -0.67
C THR B 186 -9.58 24.72 0.63
N GLY B 187 -8.34 25.09 0.94
CA GLY B 187 -8.06 25.88 2.12
C GLY B 187 -7.99 25.06 3.38
N GLN B 188 -7.04 25.41 4.25
CA GLN B 188 -6.86 24.69 5.51
C GLN B 188 -8.09 24.76 6.40
N ALA B 189 -9.01 25.69 6.13
CA ALA B 189 -10.19 25.84 6.97
C ALA B 189 -11.26 24.80 6.65
N LYS B 190 -11.53 24.58 5.36
CA LYS B 190 -12.57 23.66 4.91
C LYS B 190 -12.02 22.30 4.52
N LEU B 191 -10.91 21.88 5.13
CA LEU B 191 -10.32 20.58 4.83
C LEU B 191 -11.02 19.50 5.65
N SER B 192 -11.60 18.52 4.97
CA SER B 192 -12.22 17.38 5.62
C SER B 192 -11.99 16.14 4.75
N LEU B 193 -12.56 15.02 5.18
CA LEU B 193 -12.44 13.80 4.40
C LEU B 193 -13.07 13.95 3.02
N GLU B 194 -14.28 14.51 2.97
CA GLU B 194 -14.97 14.66 1.69
C GLU B 194 -14.27 15.68 0.80
N THR B 195 -13.70 16.74 1.38
CA THR B 195 -12.99 17.72 0.57
C THR B 195 -11.64 17.18 0.12
N LEU B 196 -11.03 16.29 0.91
CA LEU B 196 -9.80 15.63 0.46
C LEU B 196 -10.11 14.63 -0.64
N PHE B 197 -11.19 13.86 -0.49
CA PHE B 197 -11.60 12.94 -1.55
C PHE B 197 -11.79 13.65 -2.87
N GLN B 198 -12.24 14.91 -2.84
CA GLN B 198 -12.42 15.65 -4.09
C GLN B 198 -11.09 16.02 -4.71
N VAL B 199 -10.07 16.30 -3.90
CA VAL B 199 -8.75 16.62 -4.44
C VAL B 199 -8.19 15.41 -5.19
N LEU B 200 -8.39 14.22 -4.65
CA LEU B 200 -7.91 13.00 -5.29
C LEU B 200 -8.75 12.61 -6.50
N SER B 201 -9.82 13.34 -6.80
CA SER B 201 -10.67 13.08 -7.96
C SER B 201 -10.43 14.09 -9.08
N VAL B 202 -9.36 14.87 -9.01
CA VAL B 202 -9.06 15.91 -9.99
C VAL B 202 -8.09 15.34 -11.01
N VAL B 203 -8.48 15.38 -12.29
CA VAL B 203 -7.60 14.94 -13.37
C VAL B 203 -6.36 15.84 -13.37
N PRO B 204 -5.16 15.26 -13.58
CA PRO B 204 -4.81 13.86 -13.77
C PRO B 204 -4.45 13.11 -12.49
N VAL B 205 -4.65 13.73 -11.32
CA VAL B 205 -4.48 12.99 -10.08
C VAL B 205 -5.38 11.77 -10.08
N TYR B 206 -6.58 11.91 -10.63
CA TYR B 206 -7.50 10.81 -10.87
C TYR B 206 -7.44 10.49 -12.36
N ASN B 207 -6.70 9.45 -12.70
CA ASN B 207 -6.42 9.09 -14.09
C ASN B 207 -7.03 7.74 -14.42
N ASN B 208 -6.76 7.28 -15.65
CA ASN B 208 -7.31 6.01 -16.10
C ASN B 208 -6.72 4.81 -15.34
N TYR B 209 -5.60 5.01 -14.64
CA TYR B 209 -4.97 3.94 -13.88
C TYR B 209 -5.45 3.86 -12.44
N THR B 210 -6.22 4.85 -11.97
CA THR B 210 -6.71 4.84 -10.60
C THR B 210 -7.65 3.67 -10.39
N ILE B 211 -7.35 2.85 -9.38
CA ILE B 211 -8.17 1.69 -9.05
C ILE B 211 -9.09 1.95 -7.87
N TYR B 212 -8.58 2.58 -6.81
CA TYR B 212 -9.42 2.96 -5.69
C TYR B 212 -8.81 4.16 -4.98
N THR B 213 -9.67 4.91 -4.30
CA THR B 213 -9.29 6.08 -3.53
C THR B 213 -9.70 5.87 -2.09
N THR B 214 -8.74 6.01 -1.18
CA THR B 214 -8.98 5.83 0.25
C THR B 214 -8.73 7.15 0.96
N VAL B 215 -9.59 7.47 1.94
CA VAL B 215 -9.42 8.62 2.80
C VAL B 215 -9.70 8.17 4.23
N MET B 216 -8.87 8.61 5.16
CA MET B 216 -8.92 8.06 6.51
C MET B 216 -8.34 9.09 7.49
N SER B 217 -8.61 8.86 8.76
CA SER B 217 -8.09 9.72 9.83
C SER B 217 -7.88 8.86 11.07
N ALA B 218 -6.63 8.69 11.50
CA ALA B 218 -6.33 7.79 12.60
C ALA B 218 -7.13 8.13 13.86
N ALA B 219 -7.45 9.42 14.07
CA ALA B 219 -8.15 9.82 15.27
C ALA B 219 -9.62 9.43 15.22
N SER B 220 -10.19 9.31 14.01
CA SER B 220 -11.57 8.90 13.81
C SER B 220 -11.57 7.64 12.95
N PRO B 221 -11.24 6.49 13.53
CA PRO B 221 -11.06 5.28 12.70
C PRO B 221 -12.33 4.88 11.96
N ASP B 222 -13.49 5.07 12.58
CA ASP B 222 -14.74 4.63 11.97
C ASP B 222 -15.05 5.35 10.66
N LYS B 223 -14.33 6.41 10.33
CA LYS B 223 -14.56 7.16 9.11
C LYS B 223 -13.71 6.68 7.95
N TYR B 224 -12.96 5.60 8.13
CA TYR B 224 -12.23 4.98 7.04
C TYR B 224 -13.16 4.72 5.86
N MET B 225 -12.81 5.26 4.70
CA MET B 225 -13.68 5.19 3.52
C MET B 225 -12.84 4.90 2.29
N THR B 226 -13.19 3.83 1.59
CA THR B 226 -12.59 3.47 0.32
C THR B 226 -13.67 3.40 -0.74
N ARG B 227 -13.38 3.94 -1.92
CA ARG B 227 -14.31 3.97 -3.04
C ARG B 227 -13.58 3.53 -4.30
N ILE B 228 -14.02 2.40 -4.88
CA ILE B 228 -13.44 1.93 -6.12
C ILE B 228 -13.81 2.89 -7.24
N ARG B 229 -12.82 3.26 -8.05
CA ARG B 229 -13.02 4.22 -9.12
C ARG B 229 -13.13 3.49 -10.46
N ASN B 230 -14.00 4.01 -11.34
CA ASN B 230 -14.17 3.51 -12.70
C ASN B 230 -13.81 4.64 -13.65
N PRO B 231 -12.51 4.92 -13.85
CA PRO B 231 -12.13 6.05 -14.69
C PRO B 231 -12.65 5.90 -16.11
N SER B 232 -12.85 7.04 -16.76
CA SER B 232 -13.31 7.06 -18.15
C SER B 232 -12.74 8.26 -18.88
C1 NAG C . -15.93 -8.41 12.14
C2 NAG C . -17.44 -8.53 11.77
C3 NAG C . -18.33 -7.78 12.78
C4 NAG C . -17.94 -8.05 14.22
C5 NAG C . -16.47 -7.72 14.37
C6 NAG C . -15.96 -7.88 15.78
C7 NAG C . -17.92 -8.78 9.38
C8 NAG C . -18.13 -8.06 8.09
N2 NAG C . -17.66 -8.01 10.44
O3 NAG C . -19.69 -8.16 12.57
O4 NAG C . -18.72 -7.26 15.10
O5 NAG C . -15.74 -8.63 13.54
O6 NAG C . -14.77 -8.66 15.81
O7 NAG C . -17.98 -10.01 9.46
H1 NAG C . -15.61 -7.51 11.91
H2 NAG C . -17.68 -9.47 11.79
H3 NAG C . -18.25 -6.81 12.61
H4 NAG C . -18.08 -9.00 14.41
H5 NAG C . -16.31 -6.81 14.07
H61 NAG C . -16.64 -8.31 16.33
H62 NAG C . -15.76 -7.00 16.16
H81 NAG C . -17.33 -7.55 7.87
H82 NAG C . -18.89 -7.45 8.17
H83 NAG C . -18.32 -8.71 7.37
HN2 NAG C . -17.64 -7.11 10.32
HO3 NAG C . -20.19 -7.81 13.21
HO4 NAG C . -18.90 -7.73 15.83
HO6 NAG C . -14.06 -8.12 15.81
C1 NAG D . -5.72 -28.90 -9.50
C2 NAG D . -6.61 -29.48 -10.58
C3 NAG D . -6.18 -30.90 -10.93
C4 NAG D . -4.69 -30.93 -11.27
C5 NAG D . -3.87 -30.27 -10.17
C6 NAG D . -2.40 -30.15 -10.51
C7 NAG D . -8.79 -28.39 -10.30
C8 NAG D . -10.19 -28.54 -9.82
N2 NAG D . -8.00 -29.47 -10.18
O3 NAG D . -6.96 -31.38 -12.02
O4 NAG D . -4.26 -32.28 -11.44
O5 NAG D . -4.35 -28.94 -9.94
O6 NAG D . -2.12 -28.95 -11.21
O7 NAG D . -8.37 -27.33 -10.77
H1 NAG D . -5.81 -29.43 -8.69
H2 NAG D . -6.52 -28.94 -11.40
H3 NAG D . -6.33 -31.48 -10.14
H4 NAG D . -4.56 -30.45 -12.11
H5 NAG D . -3.97 -30.79 -9.36
H61 NAG D . -2.14 -30.92 -11.06
H62 NAG D . -1.88 -30.17 -9.69
H81 NAG D . -10.19 -28.76 -8.87
H82 NAG D . -10.63 -29.26 -10.32
H83 NAG D . -10.67 -27.71 -9.96
HN2 NAG D . -8.37 -30.23 -9.81
HO3 NAG D . -7.81 -31.41 -11.79
HO4 NAG D . -3.82 -32.54 -10.72
HO6 NAG D . -1.54 -28.47 -10.74
S SO4 E . -18.22 -16.95 7.97
O1 SO4 E . -17.81 -17.72 6.79
O2 SO4 E . -19.62 -17.23 8.27
O3 SO4 E . -17.38 -17.34 9.11
O4 SO4 E . -18.05 -15.53 7.71
CL CL F . -22.84 -15.52 1.49
C13 TON G . 12.84 -8.96 -8.40
C14 TON G . 13.16 -8.27 -9.57
C15 TON G . 14.19 -8.72 -10.39
O1 TON G . 14.54 -8.01 -11.59
C1 TON G . 14.88 -8.83 -12.72
C2 TON G . 13.99 -8.55 -13.95
O2 TON G . 14.14 -9.68 -14.81
C3 TON G . 14.64 -9.46 -16.12
C4 TON G . 16.02 -8.78 -16.13
O3 TON G . 16.03 -7.74 -17.08
C16 TON G . 14.91 -9.85 -10.02
C17 TON G . 14.58 -10.53 -8.85
C18 TON G . 13.54 -10.10 -8.04
C5 TON G . 13.16 -10.87 -6.73
C8 TON G . 13.06 -9.87 -5.59
C7 TON G . 14.25 -11.89 -6.36
C6 TON G . 11.72 -11.53 -6.87
C9 TON G . 11.57 -12.89 -7.68
C12 TON G . 12.34 -12.94 -8.99
C11 TON G . 10.08 -13.01 -8.01
C10 TON G . 11.93 -14.10 -6.81
H13 TON G . 12.14 -8.66 -7.87
H14 TON G . 12.68 -7.51 -9.81
H11 TON G . 15.80 -8.66 -12.96
H12 TON G . 14.79 -9.75 -12.48
H21 TON G . 13.06 -8.45 -13.69
H22 TON G . 14.29 -7.74 -14.41
H31 TON G . 14.71 -10.32 -16.58
H32 TON G . 14.02 -8.90 -16.61
H41 TON G . 16.22 -8.41 -15.25
H42 TON G . 16.71 -9.43 -16.35
HO3 TON G . 15.63 -8.00 -17.79
H162 TON G . 15.60 -10.16 -10.56
H17 TON G . 15.06 -11.30 -8.62
H81 TON G . 12.13 -9.58 -5.49
H82 TON G . 13.61 -9.09 -5.80
H83 TON G . 13.36 -10.27 -4.77
H71 TON G . 14.25 -12.61 -7.00
H72 TON G . 14.07 -12.24 -5.47
H73 TON G . 15.11 -11.45 -6.37
H61 TON G . 11.14 -10.87 -7.30
H62 TON G . 11.38 -11.68 -5.97
H121 TON G . 12.34 -13.86 -9.32
H122 TON G . 13.25 -12.64 -8.85
H123 TON G . 11.91 -12.37 -9.65
H111 TON G . 9.94 -12.77 -8.94
H112 TON G . 9.56 -12.42 -7.45
H113 TON G . 9.79 -13.93 -7.87
H101 TON G . 12.83 -14.00 -6.47
H102 TON G . 11.87 -14.91 -7.34
H103 TON G . 11.30 -14.16 -6.07
C13 TON H . -2.89 -25.52 6.95
C14 TON H . -3.31 -25.33 8.25
C15 TON H . -3.86 -26.37 8.99
O1 TON H . -4.29 -26.16 10.34
C1 TON H . -3.30 -25.60 11.19
C2 TON H . -3.91 -25.38 12.59
O2 TON H . -2.85 -25.16 13.51
C3 TON H . -3.16 -24.30 14.60
C4 TON H . -1.91 -24.13 15.46
O3 TON H . -0.79 -23.94 14.62
C16 TON H . -4.01 -27.61 8.40
C17 TON H . -3.59 -27.82 7.09
C18 TON H . -3.04 -26.77 6.35
C5 TON H . -2.55 -26.98 4.87
C8 TON H . -2.32 -28.45 4.56
C7 TON H . -1.17 -26.31 4.77
C6 TON H . -3.44 -26.32 3.74
C9 TON H . -5.01 -26.38 3.83
C12 TON H . -5.53 -25.02 4.28
C11 TON H . -5.60 -27.47 4.73
C10 TON H . -5.58 -26.63 2.42
H13 TON H . -2.52 -24.83 6.47
H14 TON H . -3.21 -24.49 8.65
H11 TON H . -2.55 -26.21 11.26
H12 TON H . -2.99 -24.75 10.82
H21 TON H . -4.49 -24.60 12.57
H22 TON H . -4.41 -26.16 12.85
H31 TON H . -3.45 -23.44 14.25
H32 TON H . -3.88 -24.70 15.12
H41 TON H . -2.02 -23.35 16.03
H42 TON H . -1.78 -24.92 16.01
HO3 TON H . -0.22 -23.46 15.01
H162 TON H . -4.38 -28.31 8.88
H17 TON H . -3.69 -28.65 6.70
H81 TON H . -2.13 -28.93 5.37
H82 TON H . -1.57 -28.54 3.95
H83 TON H . -3.12 -28.82 4.14
H71 TON H . -1.28 -25.35 4.82
H72 TON H . -0.76 -26.55 3.92
H73 TON H . -0.61 -26.62 5.49
H61 TON H . -3.19 -26.73 2.89
H62 TON H . -3.19 -25.38 3.68
H121 TON H . -6.50 -24.99 4.17
H122 TON H . -5.11 -24.32 3.76
H123 TON H . -5.32 -24.90 5.22
H111 TON H . -5.89 -27.08 5.56
H112 TON H . -4.93 -28.14 4.90
H113 TON H . -6.36 -27.88 4.29
H101 TON H . -5.27 -25.93 1.82
H102 TON H . -6.55 -26.62 2.46
H103 TON H . -5.27 -27.49 2.10
C1 NAG I . -8.39 8.12 -20.29
C2 NAG I . -8.69 9.50 -19.71
C3 NAG I . -9.49 10.34 -20.70
C4 NAG I . -8.78 10.39 -22.06
C5 NAG I . -8.56 8.96 -22.54
C6 NAG I . -7.84 8.90 -23.87
C7 NAG I . -8.96 9.93 -17.31
C8 NAG I . -9.83 9.73 -16.11
N2 NAG I . -9.40 9.40 -18.45
O3 NAG I . -9.66 11.66 -20.19
O4 NAG I . -9.56 11.12 -22.99
O5 NAG I . -7.77 8.25 -21.60
O6 NAG I . -6.57 9.54 -23.81
O7 NAG I . -7.89 10.53 -17.24
H1 NAG I . -9.22 7.62 -20.39
H2 NAG I . -7.83 9.96 -19.55
H3 NAG I . -10.37 9.94 -20.83
H4 NAG I . -7.91 10.83 -21.94
H5 NAG I . -9.42 8.53 -22.64
H61 NAG I . -8.38 9.32 -24.56
H62 NAG I . -7.70 7.96 -24.11
H81 NAG I . -10.70 10.13 -16.27
H82 NAG I . -9.41 10.15 -15.34
H83 NAG I . -9.94 8.77 -15.95
HN2 NAG I . -10.20 8.97 -18.44
HO3 NAG I . -10.17 11.63 -19.48
HO4 NAG I . -9.32 11.98 -22.97
HO6 NAG I . -6.05 9.26 -24.48
S SO4 J . -16.01 7.47 -10.28
O1 SO4 J . -14.68 6.87 -10.35
O2 SO4 J . -16.92 6.67 -11.08
O3 SO4 J . -16.46 7.48 -8.90
O4 SO4 J . -15.95 8.83 -10.80
S SO4 K . -7.06 -3.52 -18.51
O1 SO4 K . -7.57 -3.56 -19.87
O2 SO4 K . -7.41 -4.77 -17.82
O3 SO4 K . -5.61 -3.37 -18.53
O4 SO4 K . -7.66 -2.39 -17.79
S SO4 L . 20.37 1.62 -2.01
O1 SO4 L . 18.95 1.55 -1.68
O2 SO4 L . 20.97 0.30 -1.80
O3 SO4 L . 21.02 2.58 -1.13
O4 SO4 L . 20.54 2.04 -3.40
S SO4 M . 21.36 -3.33 -1.12
O1 SO4 M . 22.13 -4.56 -1.34
O2 SO4 M . 20.21 -3.63 -0.27
O3 SO4 M . 20.90 -2.81 -2.40
O4 SO4 M . 22.21 -2.34 -0.46
CL CL N . 5.93 14.05 -5.84
CL CL O . 7.22 -0.30 18.79
CL CL P . -20.53 7.98 -1.25
CL CL Q . 0.38 6.95 -13.49
CL CL R . 12.92 8.86 -8.43
CL CL S . 21.06 4.19 -6.61
CL CL T . 21.31 4.59 6.74
CL CL U . 0.96 -9.51 10.39
CL CL V . -6.68 9.25 19.59
CL CL W . -18.74 4.12 -5.71
CL CL X . 13.98 -1.27 12.84
C1 MYR Y . 1.60 1.18 -6.05
O1 MYR Y . 0.43 1.55 -5.80
O2 MYR Y . 2.32 1.84 -6.81
C2 MYR Y . 2.10 -0.09 -5.44
C3 MYR Y . 1.74 -1.20 -6.42
C4 MYR Y . 0.78 -2.21 -5.83
C5 MYR Y . 1.15 -3.59 -6.33
C6 MYR Y . -0.06 -4.48 -6.39
C7 MYR Y . 0.31 -5.76 -7.10
C8 MYR Y . -0.87 -6.70 -7.09
C9 MYR Y . -0.74 -7.76 -8.17
C10 MYR Y . -2.06 -8.49 -8.33
C11 MYR Y . -2.39 -9.28 -7.07
C12 MYR Y . -3.80 -9.84 -7.14
C13 MYR Y . -3.81 -11.28 -7.66
C14 MYR Y . -4.94 -12.05 -7.03
H21 MYR Y . 1.62 -0.27 -4.48
H22 MYR Y . 3.18 -0.04 -5.30
H31 MYR Y . 2.66 -1.71 -6.74
H32 MYR Y . 1.29 -0.76 -7.31
H41 MYR Y . -0.24 -1.97 -6.11
H42 MYR Y . 0.85 -2.19 -4.74
H51 MYR Y . 1.89 -4.03 -5.66
H52 MYR Y . 1.60 -3.51 -7.32
H61 MYR Y . -0.86 -3.98 -6.94
H62 MYR Y . -0.42 -4.70 -5.39
H71 MYR Y . 1.16 -6.23 -6.59
H72 MYR Y . 0.61 -5.55 -8.12
H81 MYR Y . -1.79 -6.13 -7.25
H82 MYR Y . -0.95 -7.17 -6.11
H91 MYR Y . 0.04 -8.47 -7.89
H92 MYR Y . -0.46 -7.28 -9.11
H101 MYR Y . -2.00 -9.17 -9.17
H102 MYR Y . -2.86 -7.77 -8.52
H111 MYR Y . -2.30 -8.63 -6.20
H112 MYR Y . -1.68 -10.09 -6.95
H121 MYR Y . -4.40 -9.22 -7.81
H122 MYR Y . -4.26 -9.81 -6.15
H131 MYR Y . -2.85 -11.75 -7.40
H132 MYR Y . -3.90 -11.27 -8.73
H141 MYR Y . -5.51 -11.40 -6.36
H142 MYR Y . -4.54 -12.90 -6.47
H143 MYR Y . -5.61 -12.42 -7.82
#